data_1BGZ
#
_entry.id   1BGZ
#
_cell.length_a   1.000
_cell.length_b   1.000
_cell.length_c   1.000
_cell.angle_alpha   90.00
_cell.angle_beta   90.00
_cell.angle_gamma   90.00
#
_symmetry.space_group_name_H-M   'P 1'
#
_entity_poly.entity_id   1
_entity_poly.type   'polyribonucleotide'
_entity_poly.pdbx_seq_one_letter_code
;GGGAUACUGCUUCGGUAAGUCCC
;
_entity_poly.pdbx_strand_id   A
#